data_1EGY
#
_entry.id   1EGY
#
_cell.length_a   54.001
_cell.length_b   78.429
_cell.length_c   98.868
_cell.angle_alpha   90.00
_cell.angle_beta   90.00
_cell.angle_gamma   90.00
#
_symmetry.space_group_name_H-M   'P 21 21 21'
#
loop_
_entity.id
_entity.type
_entity.pdbx_description
1 polymer 'CYTOCHROME P450ERYF'
2 non-polymer 'PROTOPORPHYRIN IX CONTAINING FE'
3 non-polymer 9-AMINOPHENANTHRENE
4 water water
#
_entity_poly.entity_id   1
_entity_poly.type   'polypeptide(L)'
_entity_poly.pdbx_seq_one_letter_code
;ATVPDLESDSFHVDWYSTYAELRETAPVTPVRFLGQDAWLVTGYDEAKAALSDLRLSSDPKKKYPGVEVEFPAYLGFPED
VRNYFATNMGTSDPPTHTRLRKLVSQEFTVRRVEAMRPRVEQITAELLDEVGDSGVVDIVDRFAHPLPIKVICELLGVDE
AARGAFGRWSSEILVMDPERAEQRGQAAREVVNFILDLVERRRTEPGDDLLSALISVQDDDDGRLSADELTSIALVLLLA
GFEASVSLIGIGTYLLLTHPDQLALVRADPSALPNAVEEILRYIAPPETTTRFAAEEVEIGGVAIPQYSTVLVANGAANR
DPSQFPDPHRFDVTRDTRGHLSFGQGIHFCMGRPLAKLEGEVALRALFGRFPALSLGIDADDVVWRRSLLLRGIDHLPVR
LDG
;
_entity_poly.pdbx_strand_id   A
#
loop_
_chem_comp.id
_chem_comp.type
_chem_comp.name
_chem_comp.formula
9AP non-polymer 9-AMINOPHENANTHRENE 'C14 H11 N'
HEM non-polymer 'PROTOPORPHYRIN IX CONTAINING FE' 'C34 H32 Fe N4 O4'
#
# COMPACT_ATOMS: atom_id res chain seq x y z
N ALA A 1 16.82 20.08 -20.29
CA ALA A 1 15.57 20.65 -19.73
C ALA A 1 15.73 20.72 -18.22
N THR A 2 14.63 20.95 -17.50
CA THR A 2 14.66 21.04 -16.04
C THR A 2 14.34 19.66 -15.44
N VAL A 3 15.17 19.22 -14.49
CA VAL A 3 14.95 17.93 -13.86
C VAL A 3 14.03 18.19 -12.67
N PRO A 4 12.77 17.72 -12.74
CA PRO A 4 11.82 17.93 -11.64
C PRO A 4 12.24 17.21 -10.34
N ASP A 5 12.04 17.87 -9.20
CA ASP A 5 12.38 17.30 -7.91
C ASP A 5 11.11 16.67 -7.35
N LEU A 6 11.19 15.41 -6.92
CA LEU A 6 10.01 14.72 -6.38
C LEU A 6 9.66 15.15 -4.97
N GLU A 7 10.41 16.11 -4.45
CA GLU A 7 10.12 16.63 -3.12
C GLU A 7 9.24 17.88 -3.24
N SER A 8 9.30 18.54 -4.39
CA SER A 8 8.53 19.75 -4.61
C SER A 8 7.05 19.52 -4.32
N ASP A 9 6.33 20.62 -4.06
CA ASP A 9 4.91 20.55 -3.75
C ASP A 9 4.08 20.11 -4.94
N SER A 10 4.60 20.28 -6.14
CA SER A 10 3.87 19.88 -7.34
C SER A 10 3.45 18.41 -7.25
N PHE A 11 4.28 17.59 -6.59
CA PHE A 11 4.02 16.16 -6.41
C PHE A 11 3.29 15.91 -5.11
N HIS A 12 2.72 16.95 -4.53
CA HIS A 12 2.00 16.81 -3.28
C HIS A 12 0.86 17.80 -3.16
N VAL A 13 0.59 18.52 -4.23
CA VAL A 13 -0.50 19.48 -4.27
C VAL A 13 -1.11 19.40 -5.67
N ASP A 14 -2.32 18.88 -5.78
CA ASP A 14 -2.96 18.75 -7.07
C ASP A 14 -2.02 17.98 -8.00
N TRP A 15 -1.25 17.08 -7.41
CA TRP A 15 -0.26 16.27 -8.11
C TRP A 15 -0.71 15.51 -9.37
N TYR A 16 -1.97 15.13 -9.44
CA TYR A 16 -2.42 14.43 -10.64
C TYR A 16 -2.40 15.33 -11.86
N SER A 17 -2.16 16.62 -11.65
CA SER A 17 -2.11 17.59 -12.74
C SER A 17 -0.69 17.74 -13.26
N THR A 18 0.30 17.59 -12.39
CA THR A 18 1.68 17.69 -12.82
C THR A 18 2.03 16.38 -13.51
N TYR A 19 1.54 15.26 -12.99
CA TYR A 19 1.80 13.96 -13.61
C TYR A 19 1.38 14.02 -15.07
N ALA A 20 0.12 14.34 -15.31
CA ALA A 20 -0.43 14.46 -16.65
C ALA A 20 0.39 15.40 -17.55
N GLU A 21 1.01 16.42 -16.98
CA GLU A 21 1.84 17.36 -17.74
C GLU A 21 3.16 16.70 -18.14
N LEU A 22 3.76 15.94 -17.22
CA LEU A 22 5.01 15.26 -17.51
C LEU A 22 4.76 14.11 -18.49
N ARG A 23 3.68 13.37 -18.26
CA ARG A 23 3.30 12.24 -19.11
C ARG A 23 3.15 12.69 -20.55
N GLU A 24 2.80 13.97 -20.72
CA GLU A 24 2.63 14.58 -22.03
C GLU A 24 3.94 15.11 -22.59
N THR A 25 4.90 15.36 -21.72
CA THR A 25 6.21 15.85 -22.14
C THR A 25 6.97 14.62 -22.61
N ALA A 26 7.18 13.70 -21.66
CA ALA A 26 7.90 12.46 -21.88
C ALA A 26 7.44 11.46 -20.84
N PRO A 27 6.78 10.39 -21.28
CA PRO A 27 6.28 9.34 -20.40
C PRO A 27 7.37 8.76 -19.49
N VAL A 28 8.63 8.86 -19.91
CA VAL A 28 9.75 8.38 -19.12
C VAL A 28 10.73 9.54 -19.07
N THR A 29 10.90 10.14 -17.89
CA THR A 29 11.82 11.29 -17.73
C THR A 29 12.75 11.16 -16.53
N PRO A 30 13.94 11.79 -16.59
CA PRO A 30 14.89 11.72 -15.49
C PRO A 30 14.36 12.64 -14.39
N VAL A 31 14.62 12.32 -13.14
CA VAL A 31 14.16 13.15 -12.03
C VAL A 31 15.18 13.15 -10.93
N ARG A 32 14.95 13.97 -9.92
CA ARG A 32 15.82 14.04 -8.76
C ARG A 32 14.94 13.76 -7.55
N PHE A 33 15.40 12.89 -6.67
CA PHE A 33 14.60 12.51 -5.51
C PHE A 33 15.54 12.07 -4.42
N LEU A 34 15.33 12.59 -3.21
CA LEU A 34 16.14 12.28 -2.05
C LEU A 34 17.64 12.46 -2.29
N GLY A 35 17.98 13.14 -3.37
CA GLY A 35 19.38 13.36 -3.68
C GLY A 35 19.97 12.30 -4.59
N GLN A 36 19.15 11.72 -5.45
CA GLN A 36 19.63 10.71 -6.36
C GLN A 36 18.90 10.91 -7.67
N ASP A 37 19.56 10.65 -8.79
CA ASP A 37 18.91 10.78 -10.09
C ASP A 37 18.08 9.53 -10.28
N ALA A 38 16.90 9.67 -10.85
CA ALA A 38 16.06 8.51 -11.06
C ALA A 38 15.21 8.70 -12.28
N TRP A 39 14.41 7.70 -12.63
CA TRP A 39 13.56 7.79 -13.79
C TRP A 39 12.14 7.64 -13.31
N LEU A 40 11.26 8.51 -13.81
CA LEU A 40 9.88 8.47 -13.42
C LEU A 40 9.05 8.01 -14.60
N VAL A 41 8.23 6.99 -14.39
CA VAL A 41 7.36 6.49 -15.44
C VAL A 41 5.95 6.93 -15.08
N THR A 42 5.33 7.70 -15.95
CA THR A 42 3.97 8.17 -15.70
C THR A 42 3.01 7.77 -16.80
N GLY A 43 3.44 6.86 -17.67
CA GLY A 43 2.59 6.42 -18.76
C GLY A 43 2.04 5.05 -18.44
N TYR A 44 0.81 4.75 -18.85
CA TYR A 44 0.21 3.44 -18.59
C TYR A 44 0.99 2.32 -19.23
N ASP A 45 1.12 2.39 -20.55
CA ASP A 45 1.83 1.39 -21.32
C ASP A 45 3.24 1.18 -20.79
N GLU A 46 3.91 2.29 -20.50
CA GLU A 46 5.27 2.27 -19.99
C GLU A 46 5.37 1.63 -18.61
N ALA A 47 4.43 1.95 -17.73
CA ALA A 47 4.44 1.40 -16.41
C ALA A 47 4.20 -0.10 -16.42
N LYS A 48 3.21 -0.55 -17.19
CA LYS A 48 2.90 -1.97 -17.28
C LYS A 48 4.09 -2.74 -17.81
N ALA A 49 4.65 -2.25 -18.92
CA ALA A 49 5.83 -2.86 -19.53
C ALA A 49 6.98 -2.95 -18.52
N ALA A 50 7.13 -1.91 -17.72
CA ALA A 50 8.18 -1.82 -16.71
C ALA A 50 8.00 -2.83 -15.59
N LEU A 51 6.76 -3.06 -15.17
CA LEU A 51 6.52 -4.02 -14.09
C LEU A 51 6.67 -5.46 -14.56
N SER A 52 6.65 -5.63 -15.89
CA SER A 52 6.78 -6.95 -16.53
C SER A 52 8.21 -7.23 -16.97
N ASP A 53 8.97 -6.18 -17.28
CA ASP A 53 10.34 -6.35 -17.70
C ASP A 53 11.15 -6.73 -16.46
N LEU A 54 11.56 -8.00 -16.35
CA LEU A 54 12.32 -8.47 -15.19
C LEU A 54 13.78 -8.02 -15.03
N ARG A 55 14.32 -7.30 -16.01
CA ARG A 55 15.69 -6.79 -15.89
C ARG A 55 15.69 -5.69 -14.84
N LEU A 56 14.49 -5.31 -14.41
CA LEU A 56 14.29 -4.30 -13.37
C LEU A 56 14.05 -5.09 -12.10
N SER A 57 15.06 -5.11 -11.25
CA SER A 57 15.01 -5.84 -9.99
C SER A 57 14.21 -5.14 -8.90
N SER A 58 13.67 -5.94 -7.98
CA SER A 58 12.92 -5.44 -6.82
C SER A 58 13.77 -5.74 -5.60
N ASP A 59 14.97 -6.23 -5.82
CA ASP A 59 15.90 -6.59 -4.77
C ASP A 59 16.88 -5.45 -4.41
N PRO A 60 16.74 -4.87 -3.21
CA PRO A 60 17.64 -3.79 -2.82
C PRO A 60 18.95 -4.23 -2.20
N LYS A 61 19.05 -5.53 -1.90
CA LYS A 61 20.26 -6.08 -1.27
C LYS A 61 21.16 -6.81 -2.25
N LYS A 62 20.96 -6.55 -3.54
CA LYS A 62 21.78 -7.14 -4.58
C LYS A 62 23.03 -6.29 -4.68
N LYS A 63 24.19 -6.90 -4.60
CA LYS A 63 25.41 -6.13 -4.74
C LYS A 63 25.86 -6.19 -6.19
N TYR A 64 26.38 -5.07 -6.65
CA TYR A 64 26.86 -4.97 -8.02
C TYR A 64 28.24 -4.32 -7.92
N PRO A 65 29.05 -4.42 -8.96
CA PRO A 65 30.38 -3.81 -8.93
C PRO A 65 30.37 -2.29 -9.00
N GLY A 66 31.11 -1.66 -8.08
CA GLY A 66 31.22 -0.21 -8.05
C GLY A 66 29.96 0.64 -8.05
N VAL A 67 28.91 0.15 -7.43
CA VAL A 67 27.67 0.90 -7.37
C VAL A 67 26.99 0.54 -6.06
N GLU A 68 26.18 1.46 -5.56
CA GLU A 68 25.47 1.27 -4.31
C GLU A 68 23.95 1.31 -4.53
N VAL A 69 23.27 0.18 -4.36
CA VAL A 69 21.83 0.12 -4.53
C VAL A 69 21.16 0.84 -3.36
N GLU A 70 20.40 1.88 -3.66
CA GLU A 70 19.72 2.65 -2.65
C GLU A 70 18.29 2.99 -3.06
N PHE A 71 17.36 2.16 -2.62
CA PHE A 71 15.94 2.37 -2.88
C PHE A 71 15.54 3.48 -1.91
N PRO A 72 14.90 4.56 -2.42
CA PRO A 72 14.49 5.68 -1.57
C PRO A 72 13.73 5.25 -0.33
N ALA A 73 12.87 4.26 -0.49
CA ALA A 73 12.07 3.76 0.61
C ALA A 73 12.91 3.43 1.84
N TYR A 74 14.19 3.19 1.66
CA TYR A 74 15.06 2.83 2.78
C TYR A 74 15.85 3.99 3.37
N LEU A 75 15.36 5.20 3.15
CA LEU A 75 16.01 6.38 3.67
C LEU A 75 16.24 6.25 5.18
N GLY A 76 17.49 6.14 5.59
CA GLY A 76 17.80 6.07 7.00
C GLY A 76 17.97 4.73 7.68
N PHE A 77 17.35 3.69 7.16
CA PHE A 77 17.43 2.37 7.75
C PHE A 77 18.82 1.77 7.77
N PRO A 78 19.36 1.47 8.97
CA PRO A 78 20.69 0.88 9.04
C PRO A 78 20.67 -0.46 8.26
N GLU A 79 21.81 -0.89 7.73
CA GLU A 79 21.87 -2.13 6.93
C GLU A 79 21.18 -3.35 7.52
N ASP A 80 21.47 -3.70 8.75
CA ASP A 80 20.83 -4.86 9.35
C ASP A 80 19.30 -4.75 9.39
N VAL A 81 18.75 -3.56 9.53
CA VAL A 81 17.30 -3.43 9.55
C VAL A 81 16.74 -3.39 8.13
N ARG A 82 17.57 -3.00 7.17
CA ARG A 82 17.15 -2.95 5.79
C ARG A 82 16.94 -4.39 5.37
N ASN A 83 17.91 -5.24 5.70
CA ASN A 83 17.83 -6.66 5.35
C ASN A 83 16.59 -7.26 5.96
N TYR A 84 16.26 -6.85 7.18
CA TYR A 84 15.06 -7.37 7.82
C TYR A 84 13.82 -6.91 7.08
N PHE A 85 13.86 -5.70 6.52
CA PHE A 85 12.71 -5.19 5.77
C PHE A 85 12.68 -5.71 4.35
N ALA A 86 13.82 -6.21 3.87
CA ALA A 86 13.93 -6.67 2.50
C ALA A 86 14.26 -8.14 2.25
N THR A 87 13.68 -9.05 3.03
CA THR A 87 13.95 -10.48 2.82
C THR A 87 12.64 -11.27 2.69
N ASN A 88 11.78 -10.82 1.77
CA ASN A 88 10.49 -11.42 1.52
C ASN A 88 10.18 -11.35 0.03
N MET A 89 8.94 -11.68 -0.35
CA MET A 89 8.57 -11.68 -1.76
C MET A 89 8.61 -10.34 -2.50
N GLY A 90 8.06 -9.29 -1.88
CA GLY A 90 8.04 -7.96 -2.48
C GLY A 90 9.39 -7.39 -2.81
N THR A 91 10.44 -7.89 -2.15
CA THR A 91 11.79 -7.43 -2.39
C THR A 91 12.74 -8.58 -2.71
N SER A 92 12.40 -9.36 -3.73
CA SER A 92 13.20 -10.51 -4.15
C SER A 92 12.84 -10.80 -5.59
N ASP A 93 13.80 -11.33 -6.34
CA ASP A 93 13.58 -11.68 -7.76
C ASP A 93 13.59 -13.20 -7.89
N PRO A 94 13.00 -13.72 -8.97
CA PRO A 94 13.02 -15.18 -9.09
C PRO A 94 14.48 -15.66 -9.19
N PRO A 95 14.76 -16.91 -8.78
CA PRO A 95 13.85 -17.93 -8.24
C PRO A 95 13.46 -17.83 -6.75
N THR A 96 14.19 -17.04 -5.95
CA THR A 96 13.86 -16.92 -4.54
C THR A 96 12.44 -16.44 -4.33
N HIS A 97 12.02 -15.44 -5.11
CA HIS A 97 10.68 -14.90 -4.99
C HIS A 97 9.67 -16.00 -5.23
N THR A 98 10.02 -16.87 -6.16
CA THR A 98 9.19 -18.00 -6.54
C THR A 98 8.93 -19.00 -5.41
N ARG A 99 9.95 -19.36 -4.65
CA ARG A 99 9.76 -20.29 -3.53
C ARG A 99 9.13 -19.57 -2.35
N LEU A 100 9.55 -18.33 -2.12
CA LEU A 100 9.01 -17.52 -1.04
C LEU A 100 7.52 -17.34 -1.19
N ARG A 101 7.06 -17.03 -2.41
CA ARG A 101 5.64 -16.81 -2.61
C ARG A 101 4.80 -18.08 -2.57
N LYS A 102 5.39 -19.18 -3.02
CA LYS A 102 4.72 -20.48 -3.05
C LYS A 102 4.46 -20.97 -1.64
N LEU A 103 5.47 -20.91 -0.77
CA LEU A 103 5.31 -21.37 0.60
C LEU A 103 4.27 -20.56 1.37
N VAL A 104 4.22 -19.25 1.11
CA VAL A 104 3.27 -18.36 1.78
C VAL A 104 1.87 -18.51 1.22
N SER A 105 1.74 -18.60 -0.10
CA SER A 105 0.43 -18.75 -0.73
C SER A 105 -0.28 -20.01 -0.28
N GLN A 106 0.47 -20.93 0.33
CA GLN A 106 -0.05 -22.19 0.81
C GLN A 106 -0.94 -21.99 2.02
N GLU A 107 -0.59 -21.04 2.87
CA GLU A 107 -1.38 -20.76 4.05
C GLU A 107 -2.23 -19.51 3.89
N PHE A 108 -1.68 -18.51 3.22
CA PHE A 108 -2.40 -17.26 2.97
C PHE A 108 -3.34 -17.58 1.83
N THR A 109 -4.35 -18.38 2.12
CA THR A 109 -5.32 -18.83 1.13
C THR A 109 -6.62 -18.06 1.16
N VAL A 110 -7.32 -18.04 0.01
CA VAL A 110 -8.62 -17.39 -0.11
C VAL A 110 -9.58 -17.99 0.93
N ARG A 111 -9.35 -19.25 1.27
CA ARG A 111 -10.19 -19.93 2.24
C ARG A 111 -10.02 -19.19 3.57
N ARG A 112 -8.80 -19.15 4.06
CA ARG A 112 -8.48 -18.49 5.32
C ARG A 112 -9.09 -17.10 5.39
N VAL A 113 -8.96 -16.35 4.30
CA VAL A 113 -9.49 -15.00 4.22
C VAL A 113 -11.03 -14.94 4.26
N GLU A 114 -11.68 -15.91 3.64
CA GLU A 114 -13.13 -15.98 3.62
C GLU A 114 -13.66 -16.33 4.99
N ALA A 115 -12.88 -17.10 5.75
CA ALA A 115 -13.30 -17.50 7.08
C ALA A 115 -13.16 -16.32 8.05
N MET A 116 -12.60 -15.23 7.55
CA MET A 116 -12.41 -14.04 8.37
C MET A 116 -13.64 -13.14 8.33
N ARG A 117 -14.27 -13.02 7.18
CA ARG A 117 -15.44 -12.15 7.02
C ARG A 117 -16.28 -11.89 8.27
N PRO A 118 -16.82 -12.95 8.90
CA PRO A 118 -17.63 -12.75 10.11
C PRO A 118 -16.96 -11.89 11.18
N ARG A 119 -15.69 -12.11 11.48
CA ARG A 119 -15.01 -11.29 12.49
C ARG A 119 -14.84 -9.87 11.94
N VAL A 120 -14.52 -9.73 10.65
CA VAL A 120 -14.32 -8.43 10.05
C VAL A 120 -15.59 -7.58 10.17
N GLU A 121 -16.75 -8.21 10.03
CA GLU A 121 -18.01 -7.49 10.16
C GLU A 121 -18.27 -7.18 11.63
N GLN A 122 -17.85 -8.09 12.50
CA GLN A 122 -18.01 -7.92 13.94
C GLN A 122 -17.16 -6.75 14.46
N ILE A 123 -15.89 -6.72 14.04
CA ILE A 123 -14.96 -5.66 14.43
C ILE A 123 -15.49 -4.33 13.93
N THR A 124 -16.03 -4.37 12.72
CA THR A 124 -16.58 -3.19 12.07
C THR A 124 -17.77 -2.71 12.87
N ALA A 125 -18.60 -3.65 13.27
CA ALA A 125 -19.77 -3.31 14.07
C ALA A 125 -19.38 -2.68 15.39
N GLU A 126 -18.45 -3.29 16.10
CA GLU A 126 -18.01 -2.79 17.40
C GLU A 126 -17.49 -1.35 17.36
N LEU A 127 -16.71 -1.04 16.33
CA LEU A 127 -16.14 0.29 16.16
C LEU A 127 -17.21 1.34 15.97
N LEU A 128 -18.13 1.09 15.05
CA LEU A 128 -19.20 2.03 14.78
C LEU A 128 -20.16 2.15 15.94
N ASP A 129 -20.25 1.12 16.77
CA ASP A 129 -21.14 1.18 17.92
C ASP A 129 -20.56 2.15 18.94
N GLU A 130 -19.23 2.30 18.90
CA GLU A 130 -18.52 3.16 19.85
C GLU A 130 -18.40 4.63 19.44
N VAL A 131 -18.88 4.99 18.26
CA VAL A 131 -18.80 6.37 17.82
C VAL A 131 -20.02 7.19 18.23
N GLY A 132 -21.17 6.54 18.31
CA GLY A 132 -22.38 7.25 18.70
C GLY A 132 -23.22 7.62 17.51
N ASP A 133 -23.96 8.71 17.62
CA ASP A 133 -24.83 9.17 16.53
C ASP A 133 -24.80 10.68 16.39
N SER A 134 -23.88 11.34 17.07
CA SER A 134 -23.83 12.79 17.00
C SER A 134 -22.45 13.43 17.08
N GLY A 135 -22.39 14.65 16.56
CA GLY A 135 -21.16 15.43 16.57
C GLY A 135 -20.22 15.08 15.45
N VAL A 136 -19.02 15.64 15.55
CA VAL A 136 -17.97 15.44 14.59
C VAL A 136 -17.06 14.41 15.24
N VAL A 137 -16.38 13.61 14.40
CA VAL A 137 -15.44 12.57 14.86
C VAL A 137 -14.33 12.41 13.80
N ASP A 138 -13.17 11.91 14.21
CA ASP A 138 -12.09 11.68 13.26
C ASP A 138 -12.32 10.27 12.78
N ILE A 139 -12.89 10.12 11.60
CA ILE A 139 -13.19 8.79 11.05
C ILE A 139 -11.95 7.91 10.79
N VAL A 140 -10.77 8.52 10.79
CA VAL A 140 -9.56 7.78 10.59
C VAL A 140 -9.11 7.15 11.91
N ASP A 141 -8.91 7.97 12.93
CA ASP A 141 -8.48 7.48 14.25
C ASP A 141 -9.52 6.58 14.93
N ARG A 142 -10.78 6.75 14.54
CA ARG A 142 -11.87 5.99 15.11
C ARG A 142 -12.46 4.86 14.30
N PHE A 143 -12.06 4.73 13.04
CA PHE A 143 -12.61 3.66 12.23
C PHE A 143 -11.64 3.09 11.21
N ALA A 144 -11.27 3.91 10.25
CA ALA A 144 -10.35 3.50 9.20
C ALA A 144 -9.00 3.00 9.70
N HIS A 145 -8.55 3.49 10.86
CA HIS A 145 -7.28 3.08 11.43
C HIS A 145 -7.30 1.79 12.25
N PRO A 146 -8.13 1.71 13.31
CA PRO A 146 -8.18 0.48 14.11
C PRO A 146 -8.75 -0.76 13.46
N LEU A 147 -9.72 -0.62 12.57
CA LEU A 147 -10.31 -1.77 11.90
C LEU A 147 -9.25 -2.61 11.20
N PRO A 148 -8.48 -2.01 10.28
CA PRO A 148 -7.44 -2.78 9.58
C PRO A 148 -6.43 -3.36 10.56
N ILE A 149 -6.13 -2.61 11.59
CA ILE A 149 -5.17 -3.06 12.59
C ILE A 149 -5.64 -4.28 13.39
N LYS A 150 -6.91 -4.29 13.77
CA LYS A 150 -7.45 -5.42 14.52
C LYS A 150 -7.50 -6.67 13.65
N VAL A 151 -7.81 -6.48 12.37
CA VAL A 151 -7.92 -7.56 11.42
C VAL A 151 -6.62 -8.30 11.16
N ILE A 152 -5.60 -7.58 10.69
CA ILE A 152 -4.33 -8.22 10.41
C ILE A 152 -3.63 -8.70 11.68
N CYS A 153 -3.87 -8.02 12.79
CA CYS A 153 -3.28 -8.45 14.05
C CYS A 153 -3.89 -9.81 14.43
N GLU A 154 -5.17 -10.01 14.13
CA GLU A 154 -5.83 -11.28 14.41
C GLU A 154 -5.32 -12.33 13.42
N LEU A 155 -5.03 -11.90 12.20
CA LEU A 155 -4.54 -12.80 11.17
C LEU A 155 -3.16 -13.36 11.57
N LEU A 156 -2.26 -12.48 12.00
CA LEU A 156 -0.92 -12.87 12.39
C LEU A 156 -0.75 -13.22 13.85
N GLY A 157 -1.86 -13.36 14.57
CA GLY A 157 -1.79 -13.69 15.98
C GLY A 157 -0.94 -12.74 16.79
N VAL A 158 -1.23 -11.45 16.70
CA VAL A 158 -0.47 -10.43 17.44
C VAL A 158 -1.04 -10.39 18.85
N ASP A 159 -0.15 -10.35 19.84
CA ASP A 159 -0.57 -10.28 21.24
C ASP A 159 -1.11 -8.86 21.49
N GLU A 160 -2.43 -8.76 21.60
CA GLU A 160 -3.11 -7.48 21.82
C GLU A 160 -2.56 -6.66 22.99
N ALA A 161 -1.96 -7.35 23.96
CA ALA A 161 -1.39 -6.66 25.12
C ALA A 161 -0.27 -5.84 24.50
N ALA A 162 0.85 -6.51 24.22
CA ALA A 162 2.02 -5.88 23.60
C ALA A 162 1.72 -5.68 22.11
N ARG A 163 0.75 -4.80 21.85
CA ARG A 163 0.29 -4.43 20.51
C ARG A 163 0.16 -2.92 20.60
N GLY A 164 0.02 -2.27 19.44
CA GLY A 164 -0.05 -0.81 19.45
C GLY A 164 1.39 -0.33 19.42
N ALA A 165 1.58 0.99 19.37
CA ALA A 165 2.92 1.59 19.30
C ALA A 165 3.45 1.49 17.89
N PHE A 166 3.37 0.32 17.26
CA PHE A 166 3.86 0.24 15.89
C PHE A 166 3.08 1.22 15.04
N GLY A 167 1.85 1.53 15.46
CA GLY A 167 1.03 2.49 14.74
C GLY A 167 1.78 3.81 14.61
N ARG A 168 2.50 4.19 15.65
CA ARG A 168 3.27 5.42 15.61
C ARG A 168 4.55 5.16 14.82
N TRP A 169 5.07 3.95 14.92
CA TRP A 169 6.29 3.59 14.21
C TRP A 169 6.11 3.59 12.71
N SER A 170 4.97 3.11 12.22
CA SER A 170 4.73 3.09 10.78
C SER A 170 4.37 4.46 10.21
N SER A 171 3.86 5.35 11.06
CA SER A 171 3.51 6.71 10.63
C SER A 171 4.82 7.37 10.22
N GLU A 172 5.82 7.20 11.07
CA GLU A 172 7.12 7.79 10.80
C GLU A 172 7.83 7.14 9.64
N ILE A 173 7.56 5.87 9.40
CA ILE A 173 8.18 5.12 8.31
C ILE A 173 7.64 5.52 6.94
N LEU A 174 6.38 5.93 6.90
CA LEU A 174 5.73 6.30 5.65
C LEU A 174 6.09 7.65 5.02
N VAL A 175 6.93 8.44 5.68
CA VAL A 175 7.36 9.74 5.15
C VAL A 175 8.88 9.72 5.05
N MET A 176 9.41 10.18 3.92
CA MET A 176 10.86 10.18 3.73
C MET A 176 11.44 11.58 3.77
N ASP A 177 11.66 12.08 4.98
CA ASP A 177 12.21 13.42 5.15
C ASP A 177 13.70 13.28 5.37
N PRO A 178 14.51 13.80 4.42
CA PRO A 178 15.97 13.77 4.45
C PRO A 178 16.62 14.17 5.77
N GLU A 179 15.89 14.89 6.61
CA GLU A 179 16.38 15.35 7.92
C GLU A 179 15.95 14.47 9.08
N ARG A 180 14.74 13.94 9.02
CA ARG A 180 14.20 13.08 10.06
C ARG A 180 14.67 11.64 9.79
N ALA A 181 15.73 11.50 8.99
CA ALA A 181 16.28 10.20 8.63
C ALA A 181 16.59 9.32 9.82
N GLU A 182 17.20 9.91 10.86
CA GLU A 182 17.55 9.17 12.07
C GLU A 182 16.27 8.73 12.78
N GLN A 183 15.28 9.61 12.81
CA GLN A 183 14.00 9.29 13.43
C GLN A 183 13.37 8.16 12.63
N ARG A 184 13.69 8.11 11.34
CA ARG A 184 13.18 7.08 10.43
C ARG A 184 13.93 5.79 10.62
N GLY A 185 15.23 5.89 10.92
CA GLY A 185 16.03 4.69 11.14
C GLY A 185 15.68 4.11 12.50
N GLN A 186 15.37 4.97 13.46
CA GLN A 186 15.02 4.53 14.81
C GLN A 186 13.65 3.85 14.84
N ALA A 187 12.70 4.36 14.07
CA ALA A 187 11.37 3.77 14.01
C ALA A 187 11.49 2.38 13.43
N ALA A 188 12.20 2.27 12.30
CA ALA A 188 12.39 0.99 11.61
C ALA A 188 12.98 -0.09 12.50
N ARG A 189 13.92 0.32 13.35
CA ARG A 189 14.56 -0.61 14.26
C ARG A 189 13.54 -1.14 15.27
N GLU A 190 12.74 -0.23 15.82
CA GLU A 190 11.72 -0.61 16.78
C GLU A 190 10.81 -1.66 16.15
N VAL A 191 10.29 -1.36 14.96
CA VAL A 191 9.42 -2.29 14.25
C VAL A 191 10.08 -3.68 14.15
N VAL A 192 11.30 -3.74 13.63
CA VAL A 192 12.01 -5.02 13.53
C VAL A 192 12.07 -5.76 14.87
N ASN A 193 12.27 -5.03 15.98
CA ASN A 193 12.33 -5.65 17.30
C ASN A 193 10.99 -6.23 17.74
N PHE A 194 9.92 -5.51 17.46
CA PHE A 194 8.59 -5.98 17.82
C PHE A 194 8.33 -7.30 17.10
N ILE A 195 8.72 -7.36 15.83
CA ILE A 195 8.52 -8.55 15.04
C ILE A 195 9.39 -9.71 15.50
N LEU A 196 10.68 -9.44 15.75
CA LEU A 196 11.58 -10.50 16.20
C LEU A 196 11.02 -11.17 17.44
N ASP A 197 10.48 -10.35 18.32
CA ASP A 197 9.89 -10.82 19.57
C ASP A 197 8.56 -11.52 19.28
N LEU A 198 7.81 -10.97 18.32
CA LEU A 198 6.52 -11.54 17.95
C LEU A 198 6.65 -12.99 17.51
N VAL A 199 7.54 -13.25 16.57
CA VAL A 199 7.72 -14.61 16.09
C VAL A 199 8.21 -15.52 17.19
N GLU A 200 9.19 -15.09 17.97
CA GLU A 200 9.68 -15.93 19.05
C GLU A 200 8.57 -16.35 20.02
N ARG A 201 7.66 -15.43 20.31
CA ARG A 201 6.56 -15.76 21.18
C ARG A 201 5.72 -16.82 20.46
N ARG A 202 5.60 -16.66 19.14
CA ARG A 202 4.85 -17.59 18.31
C ARG A 202 5.55 -18.92 18.19
N ARG A 203 6.87 -18.89 18.18
CA ARG A 203 7.70 -20.08 18.05
C ARG A 203 7.47 -20.91 19.30
N THR A 204 7.22 -20.20 20.41
CA THR A 204 7.04 -20.83 21.69
C THR A 204 5.61 -21.17 22.01
N GLU A 205 4.67 -20.38 21.52
CA GLU A 205 3.26 -20.62 21.78
C GLU A 205 2.47 -20.76 20.49
N PRO A 206 2.32 -21.98 20.00
CA PRO A 206 1.59 -22.23 18.77
C PRO A 206 0.17 -21.71 18.84
N GLY A 207 -0.48 -21.66 17.68
CA GLY A 207 -1.87 -21.21 17.58
C GLY A 207 -2.27 -21.55 16.17
N ASP A 208 -3.51 -21.28 15.80
CA ASP A 208 -3.91 -21.61 14.44
C ASP A 208 -4.06 -20.38 13.54
N ASP A 209 -3.21 -19.39 13.80
CA ASP A 209 -3.17 -18.14 13.04
C ASP A 209 -2.24 -18.34 11.85
N LEU A 210 -2.23 -17.40 10.92
CA LEU A 210 -1.39 -17.51 9.74
C LEU A 210 0.09 -17.59 10.07
N LEU A 211 0.53 -16.87 11.10
CA LEU A 211 1.93 -16.87 11.45
C LEU A 211 2.44 -18.20 11.99
N SER A 212 1.73 -18.84 12.91
CA SER A 212 2.18 -20.13 13.42
C SER A 212 2.17 -21.06 12.23
N ALA A 213 1.18 -20.87 11.35
CA ALA A 213 1.01 -21.67 10.13
C ALA A 213 2.23 -21.57 9.24
N LEU A 214 2.78 -20.36 9.11
CA LEU A 214 3.96 -20.14 8.28
C LEU A 214 5.21 -20.71 8.93
N ILE A 215 5.22 -20.78 10.26
CA ILE A 215 6.37 -21.32 10.99
C ILE A 215 6.46 -22.84 10.84
N SER A 216 5.37 -23.46 10.41
CA SER A 216 5.39 -24.91 10.25
C SER A 216 5.23 -25.39 8.80
N VAL A 217 5.31 -24.46 7.84
CA VAL A 217 5.17 -24.79 6.42
C VAL A 217 6.41 -25.45 5.83
N GLN A 218 6.20 -26.49 5.03
CA GLN A 218 7.31 -27.18 4.41
C GLN A 218 6.93 -27.76 3.05
N ASP A 219 7.92 -27.91 2.18
CA ASP A 219 7.71 -28.44 0.84
C ASP A 219 8.79 -29.43 0.44
N ASP A 220 8.48 -30.24 -0.56
CA ASP A 220 9.38 -31.27 -1.09
C ASP A 220 10.73 -30.73 -1.52
N ASP A 221 10.77 -30.05 -2.66
CA ASP A 221 12.03 -29.50 -3.16
C ASP A 221 12.22 -28.01 -2.82
N ASP A 222 11.11 -27.28 -2.70
CA ASP A 222 11.18 -25.85 -2.40
C ASP A 222 11.62 -25.54 -0.98
N GLY A 223 11.49 -26.51 -0.07
CA GLY A 223 11.92 -26.30 1.29
C GLY A 223 10.99 -25.53 2.21
N ARG A 224 11.55 -24.90 3.23
CA ARG A 224 10.75 -24.13 4.17
C ARG A 224 11.38 -22.77 4.47
N LEU A 225 10.61 -21.96 5.20
CA LEU A 225 11.01 -20.61 5.57
C LEU A 225 12.07 -20.60 6.65
N SER A 226 13.11 -19.81 6.47
CA SER A 226 14.18 -19.71 7.46
C SER A 226 13.79 -18.61 8.44
N ALA A 227 14.58 -18.43 9.49
CA ALA A 227 14.31 -17.41 10.50
C ALA A 227 14.23 -15.98 9.95
N ASP A 228 15.22 -15.56 9.18
CA ASP A 228 15.26 -14.22 8.59
C ASP A 228 14.11 -13.99 7.62
N GLU A 229 13.85 -14.97 6.78
CA GLU A 229 12.78 -14.89 5.81
C GLU A 229 11.44 -14.81 6.50
N LEU A 230 11.26 -15.62 7.53
CA LEU A 230 10.01 -15.65 8.26
C LEU A 230 9.74 -14.32 8.97
N THR A 231 10.75 -13.82 9.67
CA THR A 231 10.59 -12.55 10.37
C THR A 231 10.33 -11.42 9.39
N SER A 232 10.88 -11.53 8.20
CA SER A 232 10.67 -10.49 7.19
C SER A 232 9.27 -10.61 6.57
N ILE A 233 8.80 -11.83 6.34
CA ILE A 233 7.47 -12.05 5.78
C ILE A 233 6.44 -11.44 6.73
N ALA A 234 6.57 -11.76 8.01
CA ALA A 234 5.66 -11.28 9.05
C ALA A 234 5.59 -9.76 9.12
N LEU A 235 6.76 -9.13 9.00
CA LEU A 235 6.88 -7.69 9.05
C LEU A 235 6.17 -7.01 7.89
N VAL A 236 6.47 -7.43 6.68
CA VAL A 236 5.85 -6.86 5.50
C VAL A 236 4.35 -7.08 5.50
N LEU A 237 3.91 -8.28 5.83
CA LEU A 237 2.48 -8.56 5.85
C LEU A 237 1.79 -7.66 6.86
N LEU A 238 2.33 -7.55 8.06
CA LEU A 238 1.76 -6.71 9.10
C LEU A 238 1.80 -5.20 8.78
N LEU A 239 2.87 -4.75 8.16
CA LEU A 239 3.00 -3.34 7.84
C LEU A 239 2.27 -2.98 6.56
N ALA A 240 2.70 -3.55 5.44
CA ALA A 240 2.05 -3.28 4.16
C ALA A 240 0.60 -3.73 4.15
N GLY A 241 0.25 -4.62 5.08
CA GLY A 241 -1.11 -5.14 5.15
C GLY A 241 -2.12 -4.32 5.91
N PHE A 242 -1.67 -3.50 6.84
CA PHE A 242 -2.63 -2.70 7.57
C PHE A 242 -2.65 -1.27 7.05
N GLU A 243 -1.47 -0.68 6.83
CA GLU A 243 -1.40 0.69 6.33
C GLU A 243 -2.12 0.92 5.00
N ALA A 244 -1.87 0.06 4.01
CA ALA A 244 -2.50 0.20 2.70
C ALA A 244 -4.02 0.09 2.79
N SER A 245 -4.50 -0.69 3.73
CA SER A 245 -5.93 -0.83 3.90
C SER A 245 -6.52 0.42 4.52
N VAL A 246 -5.77 1.04 5.42
CA VAL A 246 -6.24 2.25 6.05
C VAL A 246 -6.47 3.29 4.97
N SER A 247 -5.53 3.39 4.03
CA SER A 247 -5.68 4.36 2.95
C SER A 247 -6.93 4.09 2.13
N LEU A 248 -7.21 2.81 1.88
CA LEU A 248 -8.39 2.42 1.11
C LEU A 248 -9.69 2.98 1.70
N ILE A 249 -9.86 2.80 3.01
CA ILE A 249 -11.02 3.23 3.75
C ILE A 249 -11.16 4.76 3.87
N GLY A 250 -10.10 5.42 4.29
CA GLY A 250 -10.12 6.86 4.43
C GLY A 250 -10.35 7.56 3.09
N ILE A 251 -9.50 7.25 2.12
CA ILE A 251 -9.66 7.84 0.80
C ILE A 251 -11.06 7.53 0.31
N GLY A 252 -11.44 6.25 0.36
CA GLY A 252 -12.76 5.84 -0.09
C GLY A 252 -13.88 6.57 0.60
N THR A 253 -13.74 6.84 1.89
CA THR A 253 -14.76 7.55 2.67
C THR A 253 -14.83 9.00 2.19
N TYR A 254 -13.67 9.62 2.06
CA TYR A 254 -13.61 11.00 1.59
C TYR A 254 -14.29 11.12 0.23
N LEU A 255 -13.84 10.31 -0.72
CA LEU A 255 -14.37 10.34 -2.09
C LEU A 255 -15.87 10.28 -2.24
N LEU A 256 -16.49 9.26 -1.67
CA LEU A 256 -17.93 9.16 -1.78
C LEU A 256 -18.61 10.38 -1.15
N LEU A 257 -18.12 10.80 0.00
CA LEU A 257 -18.68 11.96 0.69
C LEU A 257 -18.69 13.20 -0.19
N THR A 258 -17.66 13.35 -1.02
CA THR A 258 -17.55 14.51 -1.92
C THR A 258 -18.15 14.29 -3.33
N HIS A 259 -18.70 13.10 -3.56
CA HIS A 259 -19.34 12.77 -4.82
C HIS A 259 -20.63 12.10 -4.44
N PRO A 260 -21.61 12.89 -3.94
CA PRO A 260 -22.93 12.41 -3.51
C PRO A 260 -23.53 11.55 -4.60
N ASP A 261 -23.35 12.00 -5.85
CA ASP A 261 -23.85 11.29 -7.02
C ASP A 261 -23.48 9.81 -6.99
N GLN A 262 -22.26 9.52 -6.55
CA GLN A 262 -21.76 8.15 -6.50
C GLN A 262 -22.19 7.45 -5.23
N LEU A 263 -22.32 8.20 -4.15
CA LEU A 263 -22.74 7.62 -2.88
C LEU A 263 -24.17 7.09 -2.98
N ALA A 264 -25.04 7.85 -3.65
CA ALA A 264 -26.42 7.45 -3.85
C ALA A 264 -26.50 6.13 -4.61
N LEU A 265 -25.69 6.01 -5.65
CA LEU A 265 -25.63 4.80 -6.47
C LEU A 265 -25.23 3.60 -5.62
N VAL A 266 -24.13 3.72 -4.90
CA VAL A 266 -23.62 2.66 -4.04
C VAL A 266 -24.68 2.31 -3.00
N ARG A 267 -25.33 3.36 -2.50
CA ARG A 267 -26.34 3.22 -1.47
C ARG A 267 -27.61 2.51 -1.94
N ALA A 268 -27.96 2.68 -3.21
CA ALA A 268 -29.16 2.04 -3.75
C ALA A 268 -28.83 0.62 -4.22
N ASP A 269 -27.79 0.50 -5.04
CA ASP A 269 -27.36 -0.78 -5.57
C ASP A 269 -26.23 -1.39 -4.72
N PRO A 270 -26.47 -2.58 -4.11
CA PRO A 270 -25.51 -3.31 -3.27
C PRO A 270 -24.39 -3.90 -4.11
N SER A 271 -24.75 -4.46 -5.25
CA SER A 271 -23.78 -5.05 -6.17
C SER A 271 -22.82 -4.01 -6.74
N ALA A 272 -23.05 -2.73 -6.43
CA ALA A 272 -22.21 -1.64 -6.91
C ALA A 272 -21.02 -1.34 -6.00
N LEU A 273 -21.01 -1.89 -4.79
CA LEU A 273 -19.91 -1.65 -3.86
C LEU A 273 -18.63 -2.38 -4.25
N PRO A 274 -18.72 -3.63 -4.76
CA PRO A 274 -17.49 -4.31 -5.14
C PRO A 274 -16.73 -3.50 -6.19
N ASN A 275 -17.47 -2.93 -7.14
CA ASN A 275 -16.83 -2.13 -8.17
C ASN A 275 -16.42 -0.75 -7.66
N ALA A 276 -17.18 -0.22 -6.71
CA ALA A 276 -16.87 1.10 -6.15
C ALA A 276 -15.50 1.06 -5.47
N VAL A 277 -15.20 -0.06 -4.82
CA VAL A 277 -13.92 -0.26 -4.16
C VAL A 277 -12.83 -0.22 -5.21
N GLU A 278 -13.12 -0.73 -6.40
CA GLU A 278 -12.13 -0.76 -7.49
C GLU A 278 -11.83 0.61 -8.07
N GLU A 279 -12.86 1.43 -8.23
CA GLU A 279 -12.67 2.78 -8.75
C GLU A 279 -11.91 3.65 -7.76
N ILE A 280 -12.06 3.32 -6.48
CA ILE A 280 -11.38 4.04 -5.41
C ILE A 280 -9.88 3.83 -5.53
N LEU A 281 -9.50 2.59 -5.75
CA LEU A 281 -8.09 2.24 -5.92
C LEU A 281 -7.53 2.94 -7.15
N ARG A 282 -8.29 2.86 -8.24
CA ARG A 282 -7.87 3.48 -9.49
C ARG A 282 -7.68 4.99 -9.40
N TYR A 283 -8.69 5.67 -8.85
CA TYR A 283 -8.68 7.11 -8.72
C TYR A 283 -7.53 7.66 -7.88
N ILE A 284 -7.32 7.09 -6.70
CA ILE A 284 -6.22 7.51 -5.82
C ILE A 284 -5.54 6.25 -5.31
N ALA A 285 -4.62 5.73 -6.12
CA ALA A 285 -3.87 4.53 -5.80
C ALA A 285 -2.99 4.79 -4.59
N PRO A 286 -3.14 3.98 -3.53
CA PRO A 286 -2.31 4.17 -2.34
C PRO A 286 -0.82 4.07 -2.69
N PRO A 287 -0.40 3.01 -3.41
CA PRO A 287 1.02 2.89 -3.77
C PRO A 287 1.35 3.83 -4.92
N GLU A 288 1.36 5.11 -4.62
CA GLU A 288 1.64 6.18 -5.58
C GLU A 288 2.74 5.85 -6.57
N THR A 289 3.83 5.27 -6.06
CA THR A 289 4.95 4.87 -6.90
C THR A 289 5.48 3.54 -6.38
N THR A 290 6.08 2.76 -7.28
CA THR A 290 6.70 1.48 -6.92
C THR A 290 8.12 1.60 -7.43
N THR A 291 9.06 0.96 -6.76
CA THR A 291 10.45 1.07 -7.14
C THR A 291 11.08 -0.19 -7.75
N ARG A 292 11.88 0.02 -8.79
CA ARG A 292 12.60 -1.06 -9.48
C ARG A 292 14.01 -0.53 -9.70
N PHE A 293 14.96 -1.45 -9.90
CA PHE A 293 16.35 -1.08 -10.15
C PHE A 293 16.75 -1.71 -11.47
N ALA A 294 17.31 -0.93 -12.38
CA ALA A 294 17.72 -1.45 -13.70
C ALA A 294 19.00 -2.27 -13.60
N ALA A 295 18.88 -3.59 -13.53
CA ALA A 295 20.04 -4.46 -13.44
C ALA A 295 20.81 -4.49 -14.75
N GLU A 296 20.10 -4.13 -15.83
CA GLU A 296 20.66 -4.08 -17.18
C GLU A 296 20.06 -2.85 -17.86
N GLU A 297 20.71 -2.36 -18.91
CA GLU A 297 20.20 -1.20 -19.63
C GLU A 297 18.87 -1.63 -20.24
N VAL A 298 17.82 -0.88 -19.92
CA VAL A 298 16.47 -1.20 -20.35
C VAL A 298 15.92 -0.11 -21.25
N GLU A 299 15.04 -0.46 -22.17
CA GLU A 299 14.41 0.54 -23.03
C GLU A 299 12.90 0.62 -22.76
N ILE A 300 12.46 1.73 -22.19
CA ILE A 300 11.05 1.94 -21.89
C ILE A 300 10.46 3.01 -22.78
N GLY A 301 9.48 2.63 -23.59
CA GLY A 301 8.81 3.56 -24.48
C GLY A 301 9.77 4.36 -25.33
N GLY A 302 10.57 3.65 -26.12
CA GLY A 302 11.54 4.30 -26.98
C GLY A 302 12.69 4.96 -26.24
N VAL A 303 12.60 5.09 -24.92
CA VAL A 303 13.65 5.71 -24.12
C VAL A 303 14.59 4.69 -23.49
N ALA A 304 15.89 4.90 -23.65
CA ALA A 304 16.86 3.96 -23.09
C ALA A 304 17.27 4.34 -21.67
N ILE A 305 16.81 3.55 -20.70
CA ILE A 305 17.14 3.75 -19.30
C ILE A 305 18.48 3.05 -19.00
N PRO A 306 19.52 3.82 -18.66
CA PRO A 306 20.86 3.33 -18.36
C PRO A 306 20.89 2.25 -17.30
N GLN A 307 21.89 1.40 -17.36
CA GLN A 307 22.06 0.31 -16.41
C GLN A 307 22.37 0.85 -14.99
N TYR A 308 21.87 0.15 -13.98
CA TYR A 308 22.05 0.50 -12.58
C TYR A 308 21.26 1.74 -12.14
N SER A 309 20.16 2.05 -12.82
CA SER A 309 19.35 3.21 -12.47
C SER A 309 18.19 2.85 -11.53
N THR A 310 17.65 3.87 -10.87
CA THR A 310 16.51 3.70 -9.97
C THR A 310 15.27 4.14 -10.75
N VAL A 311 14.39 3.18 -11.03
CA VAL A 311 13.18 3.46 -11.79
C VAL A 311 12.02 3.50 -10.83
N LEU A 312 11.29 4.59 -10.85
CA LEU A 312 10.13 4.78 -10.00
C LEU A 312 8.93 4.71 -10.91
N VAL A 313 8.14 3.65 -10.77
CA VAL A 313 6.93 3.43 -11.57
C VAL A 313 5.74 4.06 -10.85
N ALA A 314 5.27 5.20 -11.33
CA ALA A 314 4.15 5.90 -10.71
C ALA A 314 2.79 5.29 -11.02
N ASN A 315 2.46 4.24 -10.29
CA ASN A 315 1.19 3.54 -10.46
C ASN A 315 0.03 4.52 -10.49
N GLY A 316 0.01 5.43 -9.51
CA GLY A 316 -1.05 6.41 -9.47
C GLY A 316 -1.18 7.18 -10.76
N ALA A 317 -0.06 7.60 -11.33
CA ALA A 317 -0.07 8.36 -12.58
C ALA A 317 -0.58 7.48 -13.72
N ALA A 318 -0.13 6.23 -13.79
CA ALA A 318 -0.57 5.31 -14.84
C ALA A 318 -2.08 5.08 -14.83
N ASN A 319 -2.69 5.12 -13.64
CA ASN A 319 -4.13 4.92 -13.52
C ASN A 319 -4.91 6.06 -14.15
N ARG A 320 -4.27 7.20 -14.31
CA ARG A 320 -4.92 8.35 -14.91
C ARG A 320 -4.51 8.57 -16.36
N ASP A 321 -4.02 7.54 -17.02
CA ASP A 321 -3.61 7.68 -18.40
C ASP A 321 -4.87 7.68 -19.24
N PRO A 322 -5.20 8.84 -19.81
CA PRO A 322 -6.38 9.06 -20.64
C PRO A 322 -6.57 8.12 -21.82
N SER A 323 -5.48 7.59 -22.36
CA SER A 323 -5.59 6.68 -23.50
C SER A 323 -5.92 5.26 -23.07
N GLN A 324 -6.08 5.07 -21.76
CA GLN A 324 -6.40 3.77 -21.19
C GLN A 324 -7.65 3.85 -20.30
N PHE A 325 -7.84 5.01 -19.68
CA PHE A 325 -9.00 5.24 -18.82
C PHE A 325 -9.59 6.56 -19.27
N PRO A 326 -10.68 6.50 -20.06
CA PRO A 326 -11.37 7.69 -20.60
C PRO A 326 -11.77 8.66 -19.51
N ASP A 327 -11.40 9.94 -19.66
CA ASP A 327 -11.72 10.97 -18.69
C ASP A 327 -11.34 10.44 -17.30
N PRO A 328 -10.04 10.22 -17.09
CA PRO A 328 -9.45 9.69 -15.86
C PRO A 328 -9.71 10.48 -14.59
N HIS A 329 -10.32 11.65 -14.73
CA HIS A 329 -10.55 12.49 -13.58
C HIS A 329 -11.95 12.43 -13.03
N ARG A 330 -12.82 11.69 -13.69
CA ARG A 330 -14.19 11.56 -13.25
C ARG A 330 -14.29 10.32 -12.37
N PHE A 331 -14.52 10.50 -11.07
CA PHE A 331 -14.66 9.36 -10.18
C PHE A 331 -15.97 8.70 -10.57
N ASP A 332 -15.89 7.53 -11.20
CA ASP A 332 -17.09 6.84 -11.65
C ASP A 332 -17.16 5.42 -11.14
N VAL A 333 -18.21 5.12 -10.38
CA VAL A 333 -18.44 3.81 -9.78
C VAL A 333 -18.91 2.76 -10.77
N THR A 334 -19.33 3.20 -11.96
CA THR A 334 -19.81 2.29 -13.00
C THR A 334 -18.73 1.93 -14.02
N ARG A 335 -17.67 2.75 -14.08
CA ARG A 335 -16.56 2.55 -15.01
C ARG A 335 -15.90 1.18 -15.01
N ASP A 336 -15.23 0.87 -16.11
CA ASP A 336 -14.50 -0.38 -16.28
C ASP A 336 -13.11 -0.08 -15.69
N THR A 337 -12.82 -0.65 -14.53
CA THR A 337 -11.56 -0.42 -13.84
C THR A 337 -10.50 -1.47 -14.18
N ARG A 338 -10.86 -2.42 -15.02
CA ARG A 338 -9.97 -3.49 -15.42
C ARG A 338 -8.65 -3.02 -15.97
N GLY A 339 -7.57 -3.56 -15.41
CA GLY A 339 -6.25 -3.19 -15.88
C GLY A 339 -5.53 -2.11 -15.07
N HIS A 340 -6.10 -1.70 -13.94
CA HIS A 340 -5.45 -0.67 -13.15
C HIS A 340 -4.27 -1.27 -12.40
N LEU A 341 -3.25 -0.46 -12.17
CA LEU A 341 -2.03 -0.93 -11.51
C LEU A 341 -1.89 -0.69 -10.01
N SER A 342 -3.00 -0.70 -9.26
CA SER A 342 -2.96 -0.49 -7.81
C SER A 342 -2.60 -1.70 -6.99
N PHE A 343 -2.89 -2.90 -7.51
CA PHE A 343 -2.53 -4.15 -6.82
C PHE A 343 -1.24 -4.70 -7.42
N GLY A 344 -0.57 -3.88 -8.23
CA GLY A 344 0.66 -4.30 -8.86
C GLY A 344 0.38 -4.76 -10.28
N GLN A 345 1.37 -5.40 -10.89
CA GLN A 345 1.24 -5.89 -12.25
C GLN A 345 2.40 -6.82 -12.54
N GLY A 346 2.08 -8.06 -12.89
CA GLY A 346 3.11 -9.03 -13.20
C GLY A 346 3.25 -10.10 -12.15
N ILE A 347 4.48 -10.37 -11.74
CA ILE A 347 4.75 -11.42 -10.74
C ILE A 347 4.69 -11.01 -9.27
N HIS A 348 4.68 -9.72 -9.00
CA HIS A 348 4.62 -9.25 -7.62
C HIS A 348 3.22 -8.74 -7.26
N PHE A 349 2.24 -9.17 -8.04
CA PHE A 349 0.85 -8.78 -7.85
C PHE A 349 0.48 -9.00 -6.40
N CYS A 350 -0.29 -8.09 -5.85
CA CYS A 350 -0.69 -8.15 -4.46
C CYS A 350 -1.40 -9.45 -4.02
N MET A 351 -0.75 -10.19 -3.12
CA MET A 351 -1.28 -11.43 -2.60
C MET A 351 -2.50 -11.18 -1.72
N GLY A 352 -2.50 -10.03 -1.06
CA GLY A 352 -3.59 -9.66 -0.16
C GLY A 352 -4.81 -9.03 -0.78
N ARG A 353 -4.87 -9.00 -2.10
CA ARG A 353 -6.00 -8.44 -2.83
C ARG A 353 -7.38 -8.84 -2.27
N PRO A 354 -7.66 -10.15 -2.12
CA PRO A 354 -8.97 -10.53 -1.59
C PRO A 354 -9.28 -10.11 -0.14
N LEU A 355 -8.25 -9.85 0.67
CA LEU A 355 -8.51 -9.43 2.06
C LEU A 355 -8.72 -7.92 2.03
N ALA A 356 -8.02 -7.25 1.12
CA ALA A 356 -8.13 -5.81 0.95
C ALA A 356 -9.56 -5.45 0.56
N LYS A 357 -10.04 -6.12 -0.47
CA LYS A 357 -11.39 -5.89 -0.96
C LYS A 357 -12.44 -6.32 0.07
N LEU A 358 -12.15 -7.36 0.83
CA LEU A 358 -13.07 -7.84 1.86
C LEU A 358 -13.29 -6.72 2.87
N GLU A 359 -12.21 -6.05 3.24
CA GLU A 359 -12.31 -4.94 4.17
C GLU A 359 -12.99 -3.73 3.55
N GLY A 360 -12.52 -3.31 2.38
CA GLY A 360 -13.11 -2.17 1.73
C GLY A 360 -14.61 -2.27 1.67
N GLU A 361 -15.09 -3.36 1.10
CA GLU A 361 -16.51 -3.59 0.97
C GLU A 361 -17.23 -3.59 2.32
N VAL A 362 -16.82 -4.46 3.23
CA VAL A 362 -17.47 -4.54 4.53
C VAL A 362 -17.48 -3.23 5.29
N ALA A 363 -16.36 -2.52 5.28
CA ALA A 363 -16.24 -1.24 5.99
C ALA A 363 -17.15 -0.12 5.47
N LEU A 364 -17.01 0.19 4.20
CA LEU A 364 -17.81 1.23 3.56
C LEU A 364 -19.30 0.95 3.65
N ARG A 365 -19.68 -0.30 3.41
CA ARG A 365 -21.09 -0.67 3.46
C ARG A 365 -21.66 -0.37 4.85
N ALA A 366 -20.97 -0.84 5.89
CA ALA A 366 -21.43 -0.63 7.26
C ALA A 366 -21.55 0.85 7.59
N LEU A 367 -20.49 1.59 7.29
CA LEU A 367 -20.45 3.03 7.54
C LEU A 367 -21.65 3.76 6.96
N PHE A 368 -21.69 3.90 5.63
CA PHE A 368 -22.78 4.60 4.95
C PHE A 368 -24.20 4.08 5.19
N GLY A 369 -24.31 2.85 5.68
CA GLY A 369 -25.63 2.30 5.95
C GLY A 369 -26.13 2.71 7.32
N ARG A 370 -25.26 2.62 8.31
CA ARG A 370 -25.64 2.97 9.67
C ARG A 370 -25.70 4.47 9.87
N PHE A 371 -25.06 5.21 8.97
CA PHE A 371 -25.07 6.66 9.04
C PHE A 371 -25.50 7.26 7.70
N PRO A 372 -26.78 7.09 7.35
CA PRO A 372 -27.32 7.59 6.08
C PRO A 372 -27.15 9.08 5.81
N ALA A 373 -26.88 9.88 6.83
CA ALA A 373 -26.71 11.31 6.61
C ALA A 373 -25.29 11.79 6.94
N LEU A 374 -24.34 10.84 6.94
CA LEU A 374 -22.93 11.10 7.21
C LEU A 374 -22.46 12.24 6.32
N SER A 375 -21.77 13.22 6.88
CA SER A 375 -21.30 14.37 6.10
C SER A 375 -19.85 14.68 6.42
N LEU A 376 -19.14 15.30 5.48
CA LEU A 376 -17.74 15.64 5.74
C LEU A 376 -17.77 16.86 6.65
N GLY A 377 -17.08 16.77 7.79
CA GLY A 377 -17.07 17.87 8.72
C GLY A 377 -16.12 19.02 8.42
N ILE A 378 -15.56 19.05 7.21
CA ILE A 378 -14.64 20.14 6.86
C ILE A 378 -14.70 20.46 5.40
N ASP A 379 -14.12 21.59 5.04
CA ASP A 379 -14.11 21.99 3.67
C ASP A 379 -13.32 20.94 2.92
N ALA A 380 -13.91 20.41 1.86
CA ALA A 380 -13.29 19.38 1.03
C ALA A 380 -11.88 19.74 0.60
N ASP A 381 -11.70 20.98 0.17
CA ASP A 381 -10.39 21.42 -0.27
C ASP A 381 -9.45 21.59 0.91
N ASP A 382 -9.96 21.38 2.13
CA ASP A 382 -9.16 21.49 3.35
C ASP A 382 -8.56 20.18 3.84
N VAL A 383 -8.99 19.08 3.23
CA VAL A 383 -8.50 17.75 3.57
C VAL A 383 -7.00 17.75 3.37
N VAL A 384 -6.27 17.30 4.39
CA VAL A 384 -4.82 17.28 4.33
C VAL A 384 -4.32 15.94 3.83
N TRP A 385 -3.50 15.98 2.77
CA TRP A 385 -2.95 14.77 2.19
C TRP A 385 -1.57 14.46 2.74
N ARG A 386 -1.27 13.16 2.90
CA ARG A 386 0.03 12.71 3.40
C ARG A 386 1.11 12.90 2.33
N ARG A 387 2.18 13.62 2.67
CA ARG A 387 3.26 13.83 1.73
C ARG A 387 4.12 12.57 1.68
N SER A 388 3.60 11.56 0.99
CA SER A 388 4.29 10.29 0.83
C SER A 388 4.04 9.74 -0.58
N LEU A 389 5.12 9.48 -1.30
CA LEU A 389 5.03 8.91 -2.64
C LEU A 389 5.01 7.39 -2.48
N LEU A 390 5.38 6.95 -1.28
CA LEU A 390 5.44 5.55 -0.90
C LEU A 390 4.05 4.99 -0.65
N LEU A 391 3.26 5.69 0.16
CA LEU A 391 1.91 5.25 0.48
C LEU A 391 1.05 6.47 0.76
N ARG A 392 0.24 6.85 -0.23
CA ARG A 392 -0.64 8.01 -0.12
C ARG A 392 -1.87 7.73 0.73
N GLY A 393 -2.33 8.74 1.46
CA GLY A 393 -3.49 8.57 2.31
C GLY A 393 -3.85 9.81 3.09
N ILE A 394 -4.89 9.69 3.92
CA ILE A 394 -5.38 10.79 4.77
C ILE A 394 -5.26 10.36 6.25
N ASP A 395 -4.69 11.22 7.08
CA ASP A 395 -4.48 10.89 8.48
C ASP A 395 -5.47 11.46 9.49
N HIS A 396 -6.34 12.35 9.03
CA HIS A 396 -7.34 12.94 9.89
C HIS A 396 -8.53 13.33 9.03
N LEU A 397 -9.63 12.60 9.16
CA LEU A 397 -10.81 12.92 8.38
C LEU A 397 -12.02 13.12 9.31
N PRO A 398 -12.34 14.40 9.63
CA PRO A 398 -13.46 14.73 10.50
C PRO A 398 -14.78 14.76 9.76
N VAL A 399 -15.71 13.94 10.22
CA VAL A 399 -17.04 13.84 9.62
C VAL A 399 -18.05 14.07 10.71
N ARG A 400 -19.28 14.42 10.35
CA ARG A 400 -20.35 14.65 11.30
C ARG A 400 -21.23 13.43 11.09
N LEU A 401 -21.65 12.78 12.17
CA LEU A 401 -22.44 11.55 12.07
C LEU A 401 -23.91 11.67 11.77
N ASP A 402 -24.57 12.61 12.43
CA ASP A 402 -26.01 12.80 12.28
C ASP A 402 -26.42 13.79 11.21
N GLY A 403 -25.60 14.84 11.04
CA GLY A 403 -25.90 15.84 10.04
C GLY A 403 -24.80 16.86 9.81
CHA HEM B . 2.39 -6.52 -3.06
CHB HEM B . -0.77 -2.98 -3.19
CHC HEM B . -2.90 -4.81 0.61
CHD HEM B . 0.42 -8.15 0.93
C1A HEM B . 1.74 -5.40 -3.42
C2A HEM B . 2.17 -4.53 -4.46
C3A HEM B . 1.31 -3.49 -4.44
C4A HEM B . 0.32 -3.76 -3.43
CMA HEM B . 1.34 -2.30 -5.35
CAA HEM B . 3.25 -4.77 -5.48
CBA HEM B . 4.55 -4.08 -5.10
CGA HEM B . 5.53 -3.90 -6.25
O1A HEM B . 5.15 -4.16 -7.41
O2A HEM B . 6.68 -3.48 -5.99
C1B HEM B . -1.69 -3.19 -2.21
C2B HEM B . -2.89 -2.41 -2.00
C3B HEM B . -3.51 -2.96 -0.92
C4B HEM B . -2.63 -4.04 -0.50
CMB HEM B . -3.33 -1.20 -2.83
CAB HEM B . -4.79 -2.72 -0.36
CBB HEM B . -5.59 -1.62 -0.31
C1C HEM B . -2.22 -5.94 0.97
C2C HEM B . -2.59 -6.75 2.10
C3C HEM B . -1.59 -7.66 2.26
C4C HEM B . -0.67 -7.40 1.16
CMC HEM B . -3.87 -6.57 2.92
CAC HEM B . -1.40 -8.61 3.29
CBC HEM B . -2.02 -8.77 4.49
C1D HEM B . 1.20 -8.02 -0.17
C2D HEM B . 2.34 -8.84 -0.43
C3D HEM B . 2.91 -8.33 -1.50
C4D HEM B . 2.08 -7.28 -1.96
CMD HEM B . 2.83 -10.07 0.30
CAD HEM B . 4.24 -8.73 -2.05
CBD HEM B . 3.97 -9.75 -3.13
CGD HEM B . 5.15 -9.97 -4.03
O1D HEM B . 5.25 -11.06 -4.62
O2D HEM B . 5.98 -9.05 -4.15
NA HEM B . 0.61 -4.92 -2.77
NB HEM B . -1.57 -4.21 -1.32
NC HEM B . -1.08 -6.38 0.36
ND HEM B . 1.03 -7.07 -1.13
FE HEM B . -0.27 -5.68 -1.23
C1 9AP C . 1.36 -0.36 -1.35
C2 9AP C . 1.19 -1.67 -0.91
C3 9AP C . 3.72 -0.81 -1.69
C4 9AP C . 2.28 -2.59 -0.86
C5 9AP C . 2.63 0.07 -1.75
C6 9AP C . 3.58 -2.14 -1.26
C7 9AP C . 2.10 -3.91 -0.41
C8 9AP C . 3.23 -4.76 -0.38
N1 9AP C . 0.92 -4.45 0.00
C9 9AP C . 4.50 -4.35 -0.77
C10 9AP C . 5.54 -5.28 -0.69
C11 9AP C . 4.69 -3.03 -1.22
C12 9AP C . 6.84 -4.92 -1.06
C13 9AP C . 7.08 -3.62 -1.51
C14 9AP C . 6.03 -2.69 -1.58
C1 9AP D . 4.25 -0.68 1.75
C2 9AP D . 5.15 -1.68 2.17
C3 9AP D . 5.95 0.96 2.23
C4 9AP D . 6.44 -1.39 2.63
C5 9AP D . 4.67 0.66 1.78
C6 9AP D . 6.87 -0.04 2.65
C7 9AP D . 7.33 -2.42 3.04
C8 9AP D . 8.60 -2.06 3.48
N1 9AP D . 7.05 -3.75 3.07
C9 9AP D . 9.01 -0.73 3.51
C10 9AP D . 10.30 -0.46 3.96
C11 9AP D . 8.15 0.29 3.10
C12 9AP D . 10.77 0.85 4.02
C13 9AP D . 9.92 1.89 3.62
C14 9AP D . 8.64 1.60 3.18
#